data_4IX9
#
_entry.id   4IX9
#
_cell.length_a   47.146
_cell.length_b   160.312
_cell.length_c   102.429
_cell.angle_alpha   90.00
_cell.angle_beta   90.00
_cell.angle_gamma   90.00
#
_symmetry.space_group_name_H-M   'C 2 2 21'
#
loop_
_entity.id
_entity.type
_entity.pdbx_description
1 polymer 'V-type proton ATPase subunit F'
2 non-polymer 2-AMINO-2-HYDROXYMETHYL-PROPANE-1,3-DIOL
3 non-polymer GLYCEROL
4 water water
#
_entity_poly.entity_id   1
_entity_poly.type   'polypeptide(L)'
_entity_poly.pdbx_seq_one_letter_code
;(MSE)AEKRTLIAVIADEDTTTGLLLAGIGQITPETQEKNFFVYQEGKTTKEEITDKFNHFTEERDDIAILL(MSE)NQH
IAENIRARVDSFTNAFPAILEI
;
_entity_poly.pdbx_strand_id   A,B,C,D
#
# COMPACT_ATOMS: atom_id res chain seq x y z
N GLU A 3 -11.51 -21.46 3.07
CA GLU A 3 -11.11 -20.04 2.87
C GLU A 3 -10.32 -19.85 1.55
N LYS A 4 -9.72 -18.67 1.39
CA LYS A 4 -8.80 -18.37 0.28
C LYS A 4 -7.43 -19.07 0.40
N ARG A 5 -7.01 -19.31 1.66
CA ARG A 5 -5.71 -19.89 2.00
C ARG A 5 -5.79 -21.41 1.95
N THR A 6 -5.41 -22.04 0.83
CA THR A 6 -5.55 -23.50 0.72
C THR A 6 -4.20 -24.25 0.52
N LEU A 7 -3.15 -23.54 0.10
CA LEU A 7 -1.89 -24.15 -0.31
C LEU A 7 -0.83 -24.21 0.80
N ILE A 8 0.04 -25.20 0.65
CA ILE A 8 1.22 -25.37 1.49
C ILE A 8 2.44 -24.89 0.71
N ALA A 9 3.25 -24.06 1.37
CA ALA A 9 4.55 -23.65 0.85
C ALA A 9 5.69 -24.32 1.68
N VAL A 10 6.87 -24.37 1.08
CA VAL A 10 8.01 -25.17 1.56
C VAL A 10 9.30 -24.40 1.45
N ILE A 11 10.00 -24.35 2.59
CA ILE A 11 11.44 -24.01 2.62
C ILE A 11 12.20 -25.12 3.35
N ALA A 12 13.05 -25.84 2.62
CA ALA A 12 13.42 -27.17 3.07
C ALA A 12 14.71 -27.63 2.39
N ASP A 13 15.49 -28.48 3.07
CA ASP A 13 16.72 -28.93 2.43
C ASP A 13 16.34 -29.95 1.30
N GLU A 14 17.33 -30.40 0.56
CA GLU A 14 17.14 -31.26 -0.62
C GLU A 14 16.32 -32.56 -0.37
N ASP A 15 16.69 -33.32 0.65
CA ASP A 15 15.98 -34.55 0.96
C ASP A 15 14.54 -34.29 1.46
N THR A 16 14.30 -33.22 2.21
CA THR A 16 12.96 -33.00 2.69
C THR A 16 12.09 -32.53 1.49
N THR A 17 12.64 -31.65 0.67
CA THR A 17 11.94 -31.17 -0.54
C THR A 17 11.55 -32.36 -1.47
N THR A 18 12.52 -33.22 -1.76
CA THR A 18 12.24 -34.45 -2.49
C THR A 18 11.04 -35.22 -1.94
N GLY A 19 11.04 -35.51 -0.64
CA GLY A 19 9.91 -36.22 -0.10
C GLY A 19 8.63 -35.41 -0.20
N LEU A 20 8.68 -34.10 0.06
CA LEU A 20 7.46 -33.27 -0.06
C LEU A 20 6.94 -33.27 -1.51
N LEU A 21 7.83 -33.04 -2.48
CA LEU A 21 7.42 -33.07 -3.90
C LEU A 21 6.82 -34.42 -4.30
N LEU A 22 7.36 -35.54 -3.83
CA LEU A 22 6.68 -36.85 -4.02
C LEU A 22 5.28 -36.91 -3.42
N ALA A 23 5.07 -36.23 -2.30
CA ALA A 23 3.72 -36.23 -1.72
C ALA A 23 2.83 -35.18 -2.43
N GLY A 24 3.35 -34.46 -3.43
CA GLY A 24 2.59 -33.41 -4.08
C GLY A 24 2.65 -32.04 -3.39
N ILE A 25 3.45 -31.89 -2.32
CA ILE A 25 3.53 -30.60 -1.63
C ILE A 25 4.66 -29.76 -2.23
N GLY A 26 4.40 -28.47 -2.45
CA GLY A 26 5.38 -27.55 -3.04
C GLY A 26 5.37 -27.58 -4.56
N GLN A 27 4.49 -28.39 -5.16
CA GLN A 27 4.35 -28.42 -6.62
C GLN A 27 3.72 -27.15 -7.16
N ILE A 28 3.90 -26.93 -8.45
CA ILE A 28 3.33 -25.77 -9.16
C ILE A 28 1.81 -25.71 -9.06
N THR A 29 1.26 -24.55 -8.65
CA THR A 29 -0.19 -24.33 -8.70
C THR A 29 -0.61 -24.18 -10.17
N PRO A 30 -1.46 -25.07 -10.69
CA PRO A 30 -1.82 -25.07 -12.12
C PRO A 30 -2.30 -23.69 -12.67
N GLU A 31 -3.29 -23.10 -12.00
CA GLU A 31 -3.93 -21.87 -12.42
C GLU A 31 -3.03 -20.63 -12.40
N THR A 32 -2.05 -20.57 -11.50
CA THR A 32 -1.19 -19.36 -11.42
C THR A 32 0.19 -19.68 -11.93
N GLN A 33 0.51 -20.97 -12.09
CA GLN A 33 1.89 -21.44 -12.38
C GLN A 33 2.95 -21.02 -11.35
N GLU A 34 2.57 -20.75 -10.11
CA GLU A 34 3.60 -20.38 -9.11
C GLU A 34 4.19 -21.60 -8.47
N LYS A 35 5.49 -21.52 -8.17
CA LYS A 35 6.12 -22.58 -7.41
C LYS A 35 5.91 -22.38 -5.91
N ASN A 36 5.82 -23.51 -5.23
CA ASN A 36 5.50 -23.50 -3.83
C ASN A 36 6.61 -24.08 -2.94
N PHE A 37 7.86 -23.99 -3.43
CA PHE A 37 9.01 -24.52 -2.70
C PHE A 37 10.27 -23.72 -3.03
N PHE A 38 11.18 -23.69 -2.06
CA PHE A 38 12.49 -23.15 -2.23
C PHE A 38 13.41 -24.12 -1.50
N VAL A 39 14.48 -24.52 -2.17
CA VAL A 39 15.44 -25.50 -1.67
C VAL A 39 16.60 -24.79 -0.92
N TYR A 40 16.78 -25.10 0.36
CA TYR A 40 17.94 -24.64 1.05
C TYR A 40 19.16 -25.55 0.75
N GLN A 41 20.30 -24.94 0.41
CA GLN A 41 21.50 -25.76 0.16
C GLN A 41 22.61 -25.23 0.99
N GLU A 42 22.95 -25.99 2.04
CA GLU A 42 24.02 -25.54 2.95
C GLU A 42 25.28 -25.14 2.15
N GLY A 43 25.76 -23.91 2.42
CA GLY A 43 26.97 -23.39 1.79
C GLY A 43 26.74 -22.56 0.54
N LYS A 44 25.52 -22.64 0.00
CA LYS A 44 25.10 -21.97 -1.22
C LYS A 44 24.06 -20.90 -0.88
N THR A 45 22.88 -21.29 -0.43
CA THR A 45 21.88 -20.32 0.01
C THR A 45 22.36 -19.43 1.17
N THR A 46 22.23 -18.12 1.00
CA THR A 46 22.63 -17.19 2.06
C THR A 46 21.43 -16.98 2.97
N LYS A 47 21.70 -16.37 4.12
CA LYS A 47 20.66 -15.99 5.07
C LYS A 47 19.73 -14.96 4.45
N GLU A 48 20.25 -14.06 3.64
CA GLU A 48 19.42 -13.11 2.94
C GLU A 48 18.45 -13.78 1.98
N GLU A 49 18.89 -14.76 1.19
CA GLU A 49 17.92 -15.45 0.32
C GLU A 49 16.83 -16.18 1.09
N ILE A 50 17.20 -16.87 2.19
CA ILE A 50 16.23 -17.57 3.02
C ILE A 50 15.22 -16.52 3.48
N THR A 51 15.70 -15.42 4.05
CA THR A 51 14.80 -14.31 4.49
C THR A 51 13.87 -13.78 3.38
N ASP A 52 14.43 -13.59 2.22
CA ASP A 52 13.62 -13.18 1.08
C ASP A 52 12.53 -14.18 0.69
N LYS A 53 12.82 -15.47 0.79
CA LYS A 53 11.86 -16.49 0.42
C LYS A 53 10.80 -16.63 1.49
N PHE A 54 11.25 -16.51 2.73
CA PHE A 54 10.34 -16.40 3.83
C PHE A 54 9.31 -15.28 3.63
N ASN A 55 9.77 -14.05 3.41
CA ASN A 55 8.81 -12.92 3.27
C ASN A 55 7.92 -13.07 2.04
N HIS A 56 8.43 -13.70 1.01
CA HIS A 56 7.65 -13.97 -0.19
C HIS A 56 6.46 -14.85 0.08
N PHE A 57 6.73 -16.03 0.64
CA PHE A 57 5.71 -17.04 0.86
C PHE A 57 4.77 -16.50 1.96
N THR A 58 5.27 -15.56 2.73
CA THR A 58 4.62 -15.11 3.94
C THR A 58 3.88 -13.76 3.79
N GLU A 59 4.34 -12.91 2.90
CA GLU A 59 3.77 -11.58 2.79
C GLU A 59 3.42 -11.16 1.36
N GLU A 60 4.05 -11.82 0.36
N GLU A 60 4.04 -11.77 0.37
CA GLU A 60 3.85 -11.54 -1.09
CA GLU A 60 3.64 -11.40 -0.97
C GLU A 60 2.95 -12.57 -1.79
C GLU A 60 2.51 -12.33 -1.46
N ARG A 61 2.56 -13.61 -1.07
CA ARG A 61 1.61 -14.57 -1.59
C ARG A 61 0.48 -14.47 -0.59
N ASP A 62 -0.71 -14.89 -1.00
CA ASP A 62 -1.89 -14.69 -0.18
C ASP A 62 -2.73 -15.96 -0.25
N ASP A 63 -2.23 -16.97 -0.93
CA ASP A 63 -2.98 -18.19 -0.96
C ASP A 63 -2.41 -19.26 -0.05
N ILE A 64 -1.39 -18.92 0.75
CA ILE A 64 -0.69 -19.93 1.59
C ILE A 64 -1.35 -20.08 2.95
N ALA A 65 -1.75 -21.30 3.23
CA ALA A 65 -2.27 -21.63 4.54
C ALA A 65 -1.15 -21.98 5.53
N ILE A 66 -0.12 -22.67 5.04
CA ILE A 66 0.91 -23.26 5.90
C ILE A 66 2.23 -23.18 5.19
N LEU A 67 3.21 -22.69 5.91
CA LEU A 67 4.57 -22.67 5.44
C LEU A 67 5.32 -23.78 6.23
N LEU A 68 5.77 -24.80 5.51
CA LEU A 68 6.58 -25.85 6.11
C LEU A 68 8.06 -25.51 5.99
N ASN A 70 12.17 -26.96 7.53
CA ASN A 70 13.02 -27.69 8.46
C ASN A 70 13.37 -26.78 9.62
N GLN A 71 13.30 -27.34 10.83
CA GLN A 71 13.77 -26.64 12.03
C GLN A 71 15.13 -25.97 11.84
N HIS A 72 16.08 -26.68 11.26
CA HIS A 72 17.41 -26.15 11.17
C HIS A 72 17.43 -24.97 10.25
N ILE A 73 16.52 -24.93 9.28
CA ILE A 73 16.46 -23.77 8.42
C ILE A 73 15.79 -22.62 9.20
N ALA A 74 14.68 -22.87 9.89
CA ALA A 74 14.10 -21.86 10.79
C ALA A 74 15.15 -21.34 11.82
N GLU A 75 15.97 -22.24 12.40
CA GLU A 75 17.11 -21.78 13.25
C GLU A 75 18.03 -20.81 12.53
N ASN A 76 18.29 -21.01 11.24
CA ASN A 76 19.18 -20.09 10.55
C ASN A 76 18.59 -18.64 10.52
N ILE A 77 17.25 -18.51 10.53
CA ILE A 77 16.61 -17.17 10.47
C ILE A 77 15.63 -16.99 11.65
N ARG A 78 16.03 -17.48 12.83
CA ARG A 78 15.18 -17.62 13.96
C ARG A 78 14.56 -16.29 14.39
N ALA A 79 15.27 -15.18 14.22
CA ALA A 79 14.73 -13.92 14.69
C ALA A 79 13.63 -13.41 13.73
N ARG A 80 13.84 -13.61 12.44
N ARG A 80 13.83 -13.56 12.42
CA ARG A 80 12.80 -13.39 11.43
CA ARG A 80 12.72 -13.35 11.47
C ARG A 80 11.56 -14.27 11.61
C ARG A 80 11.54 -14.23 11.88
N VAL A 81 11.77 -15.54 11.96
CA VAL A 81 10.69 -16.47 12.23
C VAL A 81 9.97 -16.13 13.55
N ASP A 82 10.71 -15.83 14.62
CA ASP A 82 10.09 -15.54 15.92
C ASP A 82 9.36 -14.19 15.91
N SER A 83 9.74 -13.31 14.99
CA SER A 83 9.08 -12.04 14.89
C SER A 83 7.85 -12.05 13.91
N PHE A 84 7.54 -13.21 13.32
CA PHE A 84 6.37 -13.29 12.43
C PHE A 84 5.07 -13.49 13.26
N THR A 85 4.05 -12.71 12.92
CA THR A 85 3.05 -12.33 13.85
C THR A 85 1.67 -12.45 13.15
N ASN A 86 1.67 -12.53 11.82
CA ASN A 86 0.42 -12.64 11.07
C ASN A 86 -0.35 -13.92 11.36
N ALA A 87 -1.68 -13.86 11.24
CA ALA A 87 -2.54 -15.06 11.41
C ALA A 87 -2.16 -16.18 10.45
N PHE A 88 -1.75 -15.81 9.25
CA PHE A 88 -1.55 -16.78 8.22
C PHE A 88 -0.31 -16.35 7.49
N PRO A 89 0.44 -17.31 6.92
CA PRO A 89 0.21 -18.74 7.08
C PRO A 89 0.70 -19.19 8.45
N ALA A 90 0.29 -20.38 8.90
CA ALA A 90 0.94 -21.03 10.06
C ALA A 90 2.31 -21.56 9.64
N ILE A 91 3.30 -21.32 10.47
CA ILE A 91 4.65 -21.84 10.26
C ILE A 91 4.80 -23.14 11.05
N LEU A 92 5.08 -24.24 10.38
CA LEU A 92 5.38 -25.49 11.08
C LEU A 92 6.81 -25.93 10.81
N GLU A 93 7.54 -26.19 11.88
CA GLU A 93 8.94 -26.57 11.77
C GLU A 93 9.04 -28.10 11.80
N ILE A 94 9.52 -28.69 10.72
CA ILE A 94 9.55 -30.15 10.59
C ILE A 94 10.95 -30.74 10.73
N ALA B 2 -4.51 -3.95 -3.02
CA ALA B 2 -3.92 -3.87 -1.65
C ALA B 2 -3.58 -2.42 -1.27
N GLU B 3 -3.24 -2.19 0.01
CA GLU B 3 -2.57 -0.96 0.44
C GLU B 3 -1.07 -1.17 0.29
N LYS B 4 -0.67 -2.41 -0.02
CA LYS B 4 0.73 -2.66 -0.39
C LYS B 4 1.15 -1.58 -1.43
N ARG B 5 0.30 -1.39 -2.45
CA ARG B 5 0.50 -0.43 -3.55
C ARG B 5 0.23 1.04 -3.20
N THR B 6 1.31 1.76 -3.02
CA THR B 6 1.32 3.13 -2.59
C THR B 6 2.23 3.99 -3.53
N LEU B 7 3.24 3.37 -4.14
CA LEU B 7 4.22 4.09 -4.90
C LEU B 7 3.82 4.45 -6.36
N ILE B 8 4.39 5.56 -6.81
CA ILE B 8 4.41 5.87 -8.24
C ILE B 8 5.74 5.47 -8.83
N ALA B 9 5.68 4.64 -9.85
CA ALA B 9 6.88 4.35 -10.65
C ALA B 9 6.79 5.10 -11.98
N VAL B 10 7.97 5.25 -12.60
CA VAL B 10 8.19 6.13 -13.72
C VAL B 10 9.07 5.49 -14.78
N ILE B 11 8.60 5.49 -16.04
CA ILE B 11 9.46 5.18 -17.19
C ILE B 11 9.28 6.33 -18.18
N ALA B 12 10.34 7.10 -18.40
CA ALA B 12 10.11 8.41 -19.04
C ALA B 12 11.40 8.98 -19.63
N ASP B 13 11.27 9.85 -20.62
CA ASP B 13 12.41 10.45 -21.28
C ASP B 13 13.07 11.43 -20.28
N GLU B 14 14.18 12.06 -20.68
CA GLU B 14 14.93 12.95 -19.75
C GLU B 14 14.15 14.14 -19.23
N ASP B 15 13.57 14.96 -20.09
CA ASP B 15 12.84 16.13 -19.59
C ASP B 15 11.68 15.73 -18.70
N THR B 16 10.96 14.69 -19.08
CA THR B 16 9.83 14.27 -18.28
C THR B 16 10.21 13.79 -16.87
N THR B 17 11.28 13.00 -16.80
CA THR B 17 11.82 12.48 -15.55
C THR B 17 12.31 13.64 -14.72
N THR B 18 12.97 14.60 -15.34
CA THR B 18 13.50 15.76 -14.60
C THR B 18 12.34 16.46 -13.91
N GLY B 19 11.23 16.64 -14.66
CA GLY B 19 10.08 17.38 -14.15
C GLY B 19 9.52 16.62 -13.00
N LEU B 20 9.46 15.29 -13.15
CA LEU B 20 8.82 14.49 -12.13
C LEU B 20 9.68 14.42 -10.84
N LEU B 21 10.97 14.21 -11.00
CA LEU B 21 11.87 14.22 -9.85
C LEU B 21 11.81 15.56 -9.10
N LEU B 22 11.75 16.69 -9.82
CA LEU B 22 11.55 18.03 -9.18
C LEU B 22 10.27 18.09 -8.37
N ALA B 23 9.22 17.41 -8.81
CA ALA B 23 7.98 17.41 -8.08
C ALA B 23 7.94 16.35 -6.98
N GLY B 24 9.02 15.61 -6.75
CA GLY B 24 9.00 14.51 -5.73
C GLY B 24 8.41 13.16 -6.19
N ILE B 25 8.17 12.99 -7.50
CA ILE B 25 7.61 11.72 -8.01
C ILE B 25 8.76 10.90 -8.67
N GLY B 26 8.83 9.59 -8.38
CA GLY B 26 9.84 8.72 -8.96
C GLY B 26 11.08 8.66 -8.10
N GLN B 27 11.02 9.19 -6.90
N GLN B 27 10.99 9.17 -6.89
CA GLN B 27 12.21 9.15 -6.08
CA GLN B 27 12.16 9.16 -6.03
C GLN B 27 12.32 7.79 -5.34
C GLN B 27 12.29 7.81 -5.29
N ILE B 28 13.44 7.57 -4.70
CA ILE B 28 13.72 6.33 -3.93
C ILE B 28 12.72 6.00 -2.79
N THR B 29 12.33 4.73 -2.70
CA THR B 29 11.53 4.27 -1.57
C THR B 29 12.46 4.27 -0.34
N PRO B 30 12.11 5.09 0.68
CA PRO B 30 12.93 5.22 1.90
C PRO B 30 13.31 3.87 2.61
N GLU B 31 12.29 3.03 2.85
CA GLU B 31 12.40 1.81 3.67
C GLU B 31 13.20 0.73 2.95
N THR B 32 13.16 0.71 1.60
CA THR B 32 13.84 -0.34 0.78
C THR B 32 14.98 0.20 -0.04
N GLN B 33 15.04 1.52 -0.18
CA GLN B 33 16.05 2.14 -1.05
C GLN B 33 15.99 1.75 -2.54
N GLU B 34 14.86 1.19 -2.98
CA GLU B 34 14.68 0.79 -4.35
C GLU B 34 14.27 1.99 -5.17
N LYS B 35 14.82 2.02 -6.38
CA LYS B 35 14.60 3.00 -7.41
C LYS B 35 13.18 2.94 -7.96
N ASN B 36 12.63 4.09 -8.29
CA ASN B 36 11.26 4.17 -8.83
C ASN B 36 11.13 4.88 -10.19
N PHE B 37 12.25 5.08 -10.86
CA PHE B 37 12.18 5.62 -12.17
C PHE B 37 13.23 4.95 -13.02
N PHE B 38 12.98 4.99 -14.33
CA PHE B 38 13.98 4.61 -15.27
C PHE B 38 13.88 5.57 -16.44
N VAL B 39 15.03 6.09 -16.87
CA VAL B 39 15.12 7.06 -17.97
C VAL B 39 15.31 6.37 -19.33
N TYR B 40 14.33 6.52 -20.22
CA TYR B 40 14.49 6.11 -21.59
C TYR B 40 15.36 7.14 -22.32
N GLN B 41 16.39 6.64 -22.99
CA GLN B 41 17.28 7.53 -23.76
C GLN B 41 17.22 7.19 -25.19
N GLU B 42 16.67 8.08 -26.02
CA GLU B 42 16.38 7.71 -27.39
C GLU B 42 17.66 7.38 -28.16
N GLY B 43 17.67 6.26 -28.88
CA GLY B 43 18.81 5.92 -29.73
C GLY B 43 19.88 5.18 -28.94
N LYS B 44 19.67 5.08 -27.63
CA LYS B 44 20.58 4.33 -26.76
C LYS B 44 19.91 3.15 -26.03
N THR B 45 18.76 3.39 -25.39
CA THR B 45 18.06 2.34 -24.61
C THR B 45 17.37 1.32 -25.56
N THR B 46 17.52 0.04 -25.23
CA THR B 46 17.01 -1.01 -26.11
C THR B 46 15.58 -1.31 -25.69
N LYS B 47 14.80 -1.93 -26.59
CA LYS B 47 13.45 -2.40 -26.22
C LYS B 47 13.52 -3.34 -25.00
N GLU B 48 14.49 -4.24 -25.05
CA GLU B 48 14.69 -5.18 -23.97
C GLU B 48 14.92 -4.48 -22.61
N GLU B 49 15.67 -3.37 -22.57
CA GLU B 49 15.82 -2.69 -21.30
C GLU B 49 14.52 -2.06 -20.85
N ILE B 50 13.76 -1.48 -21.78
CA ILE B 50 12.52 -0.86 -21.37
C ILE B 50 11.64 -1.95 -20.82
N THR B 51 11.59 -3.04 -21.58
CA THR B 51 10.74 -4.17 -21.26
C THR B 51 11.11 -4.84 -19.91
N ASP B 52 12.41 -4.99 -19.66
CA ASP B 52 12.84 -5.43 -18.33
C ASP B 52 12.35 -4.48 -17.24
N LYS B 53 12.46 -3.18 -17.48
CA LYS B 53 12.03 -2.23 -16.49
C LYS B 53 10.52 -2.24 -16.27
N PHE B 54 9.76 -2.32 -17.36
CA PHE B 54 8.33 -2.44 -17.28
C PHE B 54 7.91 -3.70 -16.54
N ASN B 55 8.57 -4.83 -16.83
N ASN B 55 8.57 -4.83 -16.82
CA ASN B 55 8.29 -6.11 -16.12
CA ASN B 55 8.31 -6.09 -16.09
C ASN B 55 8.65 -5.97 -14.62
C ASN B 55 8.60 -5.89 -14.61
N HIS B 56 9.70 -5.23 -14.32
CA HIS B 56 10.08 -4.96 -12.93
C HIS B 56 8.98 -4.27 -12.11
N PHE B 57 8.49 -3.15 -12.64
CA PHE B 57 7.64 -2.19 -11.90
C PHE B 57 6.26 -2.72 -11.85
N THR B 58 6.05 -3.73 -12.67
CA THR B 58 4.72 -4.16 -13.00
C THR B 58 4.45 -5.56 -12.43
N GLU B 59 5.44 -6.47 -12.44
N GLU B 59 5.54 -6.33 -12.28
CA GLU B 59 5.18 -7.81 -11.92
CA GLU B 59 5.56 -7.77 -12.14
C GLU B 59 6.01 -8.12 -10.69
C GLU B 59 6.44 -8.19 -10.96
N GLU B 60 7.31 -7.80 -10.71
N GLU B 60 7.57 -7.52 -10.76
CA GLU B 60 8.13 -8.16 -9.58
CA GLU B 60 8.54 -7.92 -9.73
C GLU B 60 7.80 -7.32 -8.33
C GLU B 60 8.41 -7.15 -8.41
N ARG B 61 7.78 -5.99 -8.45
CA ARG B 61 7.57 -5.13 -7.29
C ARG B 61 6.13 -5.32 -6.94
N ASP B 62 5.83 -5.33 -5.65
CA ASP B 62 4.44 -5.40 -5.22
C ASP B 62 3.92 -4.11 -4.56
N ASP B 63 4.72 -3.05 -4.58
CA ASP B 63 4.30 -1.82 -3.88
C ASP B 63 3.98 -0.63 -4.77
N ILE B 64 3.98 -0.85 -6.09
CA ILE B 64 3.72 0.20 -7.08
C ILE B 64 2.23 0.32 -7.23
N ALA B 65 1.69 1.49 -6.94
CA ALA B 65 0.26 1.67 -7.21
C ALA B 65 0.04 2.14 -8.65
N ILE B 66 0.93 3.02 -9.14
CA ILE B 66 0.77 3.64 -10.45
C ILE B 66 2.10 3.63 -11.21
N LEU B 67 2.03 3.25 -12.48
CA LEU B 67 3.15 3.43 -13.39
C LEU B 67 2.93 4.56 -14.38
N LEU B 68 3.76 5.61 -14.28
CA LEU B 68 3.72 6.71 -15.24
C LEU B 68 4.69 6.45 -16.39
N ASN B 70 5.71 8.03 -20.51
CA ASN B 70 5.41 8.79 -21.74
C ASN B 70 4.72 7.87 -22.70
N GLN B 71 3.70 8.37 -23.36
CA GLN B 71 2.96 7.60 -24.34
C GLN B 71 3.87 7.05 -25.45
N HIS B 72 4.83 7.86 -25.86
CA HIS B 72 5.78 7.52 -26.90
C HIS B 72 6.72 6.38 -26.52
N ILE B 73 7.00 6.23 -25.24
CA ILE B 73 7.84 5.13 -24.85
C ILE B 73 6.95 3.88 -24.86
N ALA B 74 5.72 4.05 -24.38
CA ALA B 74 4.76 2.96 -24.42
C ALA B 74 4.58 2.45 -25.87
N GLU B 75 4.64 3.40 -26.84
CA GLU B 75 4.53 3.03 -28.23
C GLU B 75 5.71 2.17 -28.67
N ASN B 76 6.90 2.45 -28.14
CA ASN B 76 8.09 1.68 -28.51
C ASN B 76 7.95 0.24 -28.10
N ILE B 77 7.12 -0.02 -27.10
CA ILE B 77 6.85 -1.39 -26.67
C ILE B 77 5.37 -1.66 -26.51
N ARG B 78 4.60 -1.24 -27.51
CA ARG B 78 3.16 -1.32 -27.50
C ARG B 78 2.64 -2.70 -27.20
N ALA B 79 3.21 -3.71 -27.86
CA ALA B 79 2.75 -5.09 -27.69
C ALA B 79 2.96 -5.57 -26.23
N ARG B 80 4.05 -5.14 -25.62
CA ARG B 80 4.34 -5.48 -24.27
C ARG B 80 3.35 -4.79 -23.32
N VAL B 81 3.14 -3.50 -23.49
CA VAL B 81 2.21 -2.75 -22.63
C VAL B 81 0.78 -3.29 -22.77
N ASP B 82 0.32 -3.45 -24.02
CA ASP B 82 -0.99 -4.07 -24.36
C ASP B 82 -1.26 -5.48 -23.80
N SER B 83 -0.20 -6.25 -23.56
CA SER B 83 -0.36 -7.54 -22.90
C SER B 83 -0.45 -7.40 -21.35
N PHE B 84 -0.15 -6.26 -20.77
CA PHE B 84 -0.29 -6.22 -19.33
C PHE B 84 -1.77 -6.08 -19.06
N THR B 85 -2.27 -6.92 -18.17
CA THR B 85 -3.71 -7.14 -18.10
C THR B 85 -4.22 -7.15 -16.67
N ASN B 86 -3.30 -7.14 -15.72
CA ASN B 86 -3.66 -7.11 -14.34
C ASN B 86 -4.20 -5.74 -13.98
N ALA B 87 -4.79 -5.68 -12.80
CA ALA B 87 -5.51 -4.51 -12.36
C ALA B 87 -4.54 -3.48 -11.79
N PHE B 88 -3.53 -3.97 -11.08
CA PHE B 88 -2.55 -3.12 -10.41
C PHE B 88 -1.13 -3.52 -10.89
N PRO B 89 -0.20 -2.55 -11.06
CA PRO B 89 -0.45 -1.09 -10.99
C PRO B 89 -1.29 -0.62 -12.20
N ALA B 90 -2.03 0.49 -12.02
CA ALA B 90 -2.58 1.28 -13.12
C ALA B 90 -1.42 1.89 -13.99
N ILE B 91 -1.56 1.82 -15.33
CA ILE B 91 -0.58 2.38 -16.24
C ILE B 91 -1.16 3.64 -16.84
N LEU B 92 -0.52 4.78 -16.62
CA LEU B 92 -0.97 6.04 -17.22
C LEU B 92 0.07 6.58 -18.18
N GLU B 93 -0.34 6.72 -19.44
CA GLU B 93 0.53 7.19 -20.49
C GLU B 93 0.40 8.69 -20.56
N ILE B 94 1.49 9.43 -20.37
CA ILE B 94 1.40 10.90 -20.32
C ILE B 94 2.15 11.63 -21.45
N GLU C 3 -14.70 4.50 -13.38
CA GLU C 3 -13.65 3.62 -14.01
C GLU C 3 -13.18 4.11 -15.39
N LYS C 4 -13.73 5.24 -15.85
CA LYS C 4 -13.04 6.06 -16.86
C LYS C 4 -12.34 7.29 -16.22
N ARG C 5 -11.96 7.14 -14.95
CA ARG C 5 -11.10 8.07 -14.26
C ARG C 5 -9.72 7.84 -14.84
N THR C 6 -9.27 8.69 -15.75
CA THR C 6 -7.92 8.53 -16.30
C THR C 6 -7.06 9.72 -15.99
N LEU C 7 -7.70 10.83 -15.59
CA LEU C 7 -6.96 12.09 -15.40
C LEU C 7 -6.20 12.20 -14.07
N ILE C 8 -5.10 12.93 -14.10
CA ILE C 8 -4.33 13.27 -12.89
C ILE C 8 -4.62 14.71 -12.49
N ALA C 9 -5.01 14.90 -11.24
CA ALA C 9 -5.20 16.26 -10.76
C ALA C 9 -4.14 16.64 -9.73
N VAL C 10 -3.96 17.95 -9.52
CA VAL C 10 -2.81 18.48 -8.82
C VAL C 10 -3.21 19.64 -7.92
N ILE C 11 -2.92 19.52 -6.62
CA ILE C 11 -2.87 20.69 -5.76
C ILE C 11 -1.46 20.82 -5.14
N ALA C 12 -0.69 21.83 -5.53
CA ALA C 12 0.74 21.82 -5.23
C ALA C 12 1.28 23.22 -5.14
N ASP C 13 2.41 23.40 -4.45
CA ASP C 13 3.12 24.68 -4.47
C ASP C 13 3.74 24.96 -5.85
N GLU C 14 4.37 26.11 -5.97
N GLU C 14 4.34 26.13 -6.01
CA GLU C 14 4.90 26.61 -7.23
CA GLU C 14 4.90 26.59 -7.30
C GLU C 14 6.00 25.71 -7.85
C GLU C 14 5.98 25.65 -7.87
N ASP C 15 6.96 25.26 -7.04
CA ASP C 15 8.07 24.39 -7.53
C ASP C 15 7.58 23.04 -8.01
N THR C 16 6.63 22.47 -7.26
CA THR C 16 6.12 21.15 -7.53
C THR C 16 5.25 21.18 -8.80
N THR C 17 4.34 22.18 -8.86
CA THR C 17 3.45 22.41 -10.03
C THR C 17 4.27 22.55 -11.31
N THR C 18 5.34 23.33 -11.19
CA THR C 18 6.29 23.52 -12.30
C THR C 18 6.83 22.18 -12.81
N GLY C 19 7.40 21.37 -11.89
CA GLY C 19 7.95 20.07 -12.24
C GLY C 19 6.92 19.19 -12.96
N LEU C 20 5.72 19.15 -12.41
CA LEU C 20 4.63 18.37 -12.98
C LEU C 20 4.19 18.87 -14.37
N LEU C 21 3.98 20.16 -14.48
CA LEU C 21 3.66 20.67 -15.78
C LEU C 21 4.79 20.34 -16.73
N LEU C 22 6.05 20.43 -16.31
CA LEU C 22 7.12 20.10 -17.31
C LEU C 22 7.02 18.62 -17.75
N ALA C 23 6.48 17.78 -16.86
CA ALA C 23 6.35 16.38 -17.15
C ALA C 23 5.03 16.05 -17.89
N GLY C 24 4.26 17.05 -18.34
CA GLY C 24 2.91 16.76 -18.87
C GLY C 24 1.75 16.55 -17.88
N ILE C 25 1.94 16.89 -16.61
CA ILE C 25 0.88 16.61 -15.63
C ILE C 25 0.23 17.86 -15.03
N GLY C 26 -1.10 17.85 -14.94
CA GLY C 26 -1.86 18.99 -14.47
C GLY C 26 -2.29 19.86 -15.64
N GLN C 27 -2.04 19.40 -16.87
N GLN C 27 -2.04 19.37 -16.86
CA GLN C 27 -2.41 20.19 -18.04
CA GLN C 27 -2.48 20.06 -18.09
C GLN C 27 -3.92 20.07 -18.36
C GLN C 27 -3.99 20.20 -18.20
N ILE C 28 -4.44 21.03 -19.14
CA ILE C 28 -5.86 21.16 -19.41
C ILE C 28 -6.40 19.89 -20.08
N THR C 29 -7.57 19.41 -19.68
CA THR C 29 -8.27 18.37 -20.45
C THR C 29 -8.63 19.00 -21.81
N PRO C 30 -8.13 18.43 -22.93
CA PRO C 30 -8.45 18.98 -24.29
C PRO C 30 -9.96 19.13 -24.56
N GLU C 31 -10.76 18.16 -24.18
CA GLU C 31 -12.14 18.07 -24.60
C GLU C 31 -13.05 19.08 -23.86
N THR C 32 -12.72 19.39 -22.62
CA THR C 32 -13.63 20.13 -21.77
C THR C 32 -12.95 21.45 -21.47
N GLN C 33 -11.69 21.56 -21.87
CA GLN C 33 -10.84 22.68 -21.49
C GLN C 33 -10.81 22.98 -19.97
N GLU C 34 -11.06 21.98 -19.12
CA GLU C 34 -10.97 22.12 -17.64
C GLU C 34 -9.55 22.04 -17.09
N LYS C 35 -9.25 22.93 -16.14
CA LYS C 35 -7.97 23.04 -15.41
C LYS C 35 -7.79 21.83 -14.51
N ASN C 36 -6.58 21.31 -14.45
CA ASN C 36 -6.34 20.11 -13.64
C ASN C 36 -5.32 20.37 -12.59
N PHE C 37 -4.98 21.63 -12.35
CA PHE C 37 -4.12 21.95 -11.23
C PHE C 37 -4.59 23.21 -10.57
N PHE C 38 -4.17 23.37 -9.32
CA PHE C 38 -4.32 24.57 -8.56
C PHE C 38 -3.01 24.81 -7.78
N VAL C 39 -2.44 26.02 -7.84
CA VAL C 39 -1.17 26.32 -7.16
C VAL C 39 -1.38 26.93 -5.78
N TYR C 40 -0.91 26.25 -4.74
CA TYR C 40 -0.84 26.87 -3.43
C TYR C 40 0.27 27.92 -3.35
N GLN C 41 -0.06 29.09 -2.82
CA GLN C 41 0.93 30.18 -2.69
C GLN C 41 0.92 30.63 -1.24
N GLU C 42 2.02 30.32 -0.55
CA GLU C 42 2.08 30.54 0.89
C GLU C 42 1.87 32.01 1.24
N GLY C 43 0.92 32.35 2.11
CA GLY C 43 0.78 33.76 2.43
C GLY C 43 -0.36 34.41 1.66
N LYS C 44 -0.89 33.76 0.64
CA LYS C 44 -1.97 34.28 -0.20
C LYS C 44 -3.17 33.34 -0.20
N THR C 45 -2.95 32.07 -0.57
CA THR C 45 -3.99 31.10 -0.69
C THR C 45 -4.60 30.90 0.70
N THR C 46 -5.92 30.77 0.74
CA THR C 46 -6.67 30.55 1.97
C THR C 46 -7.19 29.10 2.01
N LYS C 47 -7.65 28.65 3.18
CA LYS C 47 -8.12 27.27 3.39
C LYS C 47 -9.17 26.86 2.43
N GLU C 48 -10.18 27.70 2.30
CA GLU C 48 -11.35 27.37 1.55
C GLU C 48 -11.12 27.41 0.05
N GLU C 49 -10.14 28.19 -0.41
CA GLU C 49 -9.66 28.07 -1.79
C GLU C 49 -9.12 26.68 -2.04
N ILE C 50 -8.41 26.14 -1.05
CA ILE C 50 -7.80 24.80 -1.19
C ILE C 50 -8.92 23.77 -1.19
N THR C 51 -9.79 23.90 -0.19
CA THR C 51 -10.86 22.97 0.13
C THR C 51 -11.90 22.95 -1.02
N ASP C 52 -12.17 24.10 -1.65
CA ASP C 52 -13.03 24.12 -2.88
C ASP C 52 -12.42 23.30 -4.00
N LYS C 53 -11.11 23.42 -4.18
CA LYS C 53 -10.45 22.71 -5.25
C LYS C 53 -10.34 21.26 -4.91
N PHE C 54 -10.08 20.98 -3.64
CA PHE C 54 -10.08 19.58 -3.22
C PHE C 54 -11.45 18.98 -3.50
N ASN C 55 -12.50 19.70 -3.12
CA ASN C 55 -13.84 19.19 -3.36
C ASN C 55 -14.11 19.06 -4.87
N HIS C 56 -13.73 20.09 -5.62
CA HIS C 56 -13.87 20.01 -7.06
C HIS C 56 -13.26 18.76 -7.68
N PHE C 57 -12.01 18.44 -7.33
CA PHE C 57 -11.26 17.38 -8.02
C PHE C 57 -11.69 16.00 -7.53
N THR C 58 -12.41 15.98 -6.43
CA THR C 58 -12.57 14.77 -5.66
C THR C 58 -14.05 14.38 -5.71
N GLU C 59 -14.91 15.35 -5.97
CA GLU C 59 -16.30 15.08 -5.84
C GLU C 59 -17.12 15.59 -6.98
N GLU C 60 -16.82 16.77 -7.51
CA GLU C 60 -17.52 17.29 -8.68
C GLU C 60 -17.03 16.64 -9.99
N ARG C 61 -15.73 16.51 -10.16
CA ARG C 61 -15.19 15.90 -11.34
C ARG C 61 -15.38 14.40 -11.24
N ASP C 62 -15.67 13.74 -12.37
CA ASP C 62 -15.72 12.25 -12.44
C ASP C 62 -14.57 11.65 -13.27
N ASP C 63 -13.83 12.56 -13.90
CA ASP C 63 -12.60 12.38 -14.67
C ASP C 63 -11.39 11.81 -13.97
N ILE C 64 -11.23 12.16 -12.71
CA ILE C 64 -9.93 12.12 -12.09
C ILE C 64 -9.66 10.72 -11.57
N ALA C 65 -8.50 10.17 -11.94
CA ALA C 65 -8.01 8.91 -11.33
C ALA C 65 -7.18 9.15 -10.03
N ILE C 66 -6.38 10.20 -10.04
CA ILE C 66 -5.40 10.45 -9.00
C ILE C 66 -5.34 11.92 -8.70
N LEU C 67 -5.24 12.28 -7.42
CA LEU C 67 -4.97 13.65 -7.03
C LEU C 67 -3.64 13.71 -6.33
N LEU C 68 -2.70 14.45 -6.90
CA LEU C 68 -1.39 14.62 -6.27
C LEU C 68 -1.45 15.92 -5.54
N ASN C 70 1.04 18.22 -2.51
CA ASN C 70 2.12 18.32 -1.55
C ASN C 70 1.62 18.00 -0.17
N GLN C 71 2.38 17.17 0.53
CA GLN C 71 1.96 16.79 1.89
C GLN C 71 1.65 18.02 2.78
N HIS C 72 2.41 19.10 2.61
CA HIS C 72 2.28 20.27 3.45
C HIS C 72 1.01 21.04 3.17
N ILE C 73 0.53 20.98 1.92
CA ILE C 73 -0.77 21.60 1.61
C ILE C 73 -1.88 20.76 2.19
N ALA C 74 -1.76 19.45 2.04
CA ALA C 74 -2.66 18.54 2.74
C ALA C 74 -2.74 18.84 4.26
N GLU C 75 -1.59 19.11 4.91
CA GLU C 75 -1.56 19.42 6.36
C GLU C 75 -2.32 20.70 6.64
N ASN C 76 -2.13 21.72 5.79
CA ASN C 76 -2.90 22.96 5.88
C ASN C 76 -4.40 22.69 5.98
N ILE C 77 -4.91 21.66 5.29
CA ILE C 77 -6.34 21.34 5.39
C ILE C 77 -6.51 19.91 5.81
N ARG C 78 -5.78 19.53 6.88
CA ARG C 78 -5.71 18.13 7.29
C ARG C 78 -7.06 17.51 7.56
N ALA C 79 -7.91 18.23 8.28
CA ALA C 79 -9.22 17.71 8.65
C ALA C 79 -10.07 17.35 7.40
N ARG C 80 -10.15 18.26 6.43
CA ARG C 80 -10.89 17.99 5.17
C ARG C 80 -10.30 16.85 4.34
N VAL C 81 -8.97 16.78 4.19
CA VAL C 81 -8.37 15.66 3.49
C VAL C 81 -8.73 14.34 4.18
N ASP C 82 -8.57 14.28 5.49
CA ASP C 82 -8.91 13.05 6.20
C ASP C 82 -10.39 12.63 6.19
N SER C 83 -11.30 13.59 5.97
N SER C 83 -11.30 13.58 5.96
CA SER C 83 -12.74 13.31 5.90
CA SER C 83 -12.74 13.27 5.92
C SER C 83 -13.11 12.54 4.64
C SER C 83 -13.13 12.57 4.62
N PHE C 84 -12.17 12.47 3.72
CA PHE C 84 -12.41 11.88 2.44
C PHE C 84 -12.04 10.43 2.42
N THR C 85 -13.04 9.66 2.04
CA THR C 85 -13.13 8.27 2.35
C THR C 85 -13.52 7.44 1.14
N ASN C 86 -13.96 8.08 0.07
CA ASN C 86 -14.16 7.41 -1.22
C ASN C 86 -12.92 6.70 -1.76
N ALA C 87 -13.18 5.69 -2.58
CA ALA C 87 -12.14 4.86 -3.19
C ALA C 87 -11.36 5.62 -4.24
N PHE C 88 -12.11 6.41 -5.03
N PHE C 88 -12.06 6.36 -5.11
CA PHE C 88 -11.61 7.16 -6.18
CA PHE C 88 -11.34 7.18 -6.08
C PHE C 88 -11.97 8.67 -6.05
C PHE C 88 -11.92 8.60 -6.13
N PRO C 89 -11.06 9.60 -6.45
CA PRO C 89 -9.68 9.36 -6.90
C PRO C 89 -8.80 8.91 -5.72
N ALA C 90 -7.71 8.20 -6.00
CA ALA C 90 -6.66 7.97 -5.02
C ALA C 90 -6.01 9.33 -4.72
N ILE C 91 -5.51 9.49 -3.51
CA ILE C 91 -4.89 10.75 -3.08
C ILE C 91 -3.47 10.43 -2.68
N LEU C 92 -2.52 10.97 -3.43
CA LEU C 92 -1.12 10.75 -3.12
C LEU C 92 -0.50 12.04 -2.57
N GLU C 93 0.04 11.97 -1.36
CA GLU C 93 0.63 13.15 -0.78
C GLU C 93 2.11 13.06 -1.14
N ILE C 94 2.65 14.08 -1.78
CA ILE C 94 4.04 14.01 -2.23
C ILE C 94 4.90 15.09 -1.55
N ARG D 5 -5.37 -13.49 26.33
CA ARG D 5 -6.16 -12.33 25.82
C ARG D 5 -7.66 -12.52 25.83
N THR D 6 -8.32 -11.69 26.63
CA THR D 6 -9.72 -11.84 27.04
C THR D 6 -10.49 -10.51 26.96
N LEU D 7 -9.76 -9.41 26.82
CA LEU D 7 -10.35 -8.07 26.84
C LEU D 7 -11.04 -7.64 25.53
N ILE D 8 -12.08 -6.83 25.68
CA ILE D 8 -12.67 -6.15 24.55
C ILE D 8 -12.22 -4.68 24.62
N ALA D 9 -11.61 -4.18 23.53
CA ALA D 9 -11.29 -2.75 23.35
C ALA D 9 -12.27 -2.09 22.36
N VAL D 10 -12.36 -0.76 22.43
CA VAL D 10 -13.42 -0.04 21.79
C VAL D 10 -12.86 1.29 21.23
N ILE D 11 -13.03 1.49 19.92
CA ILE D 11 -12.89 2.83 19.37
C ILE D 11 -14.26 3.18 18.80
N ALA D 12 -15.01 4.05 19.49
CA ALA D 12 -16.40 4.32 19.07
C ALA D 12 -16.84 5.75 19.34
N ASP D 13 -17.93 6.18 18.68
CA ASP D 13 -18.53 7.49 19.00
C ASP D 13 -19.17 7.46 20.39
N GLU D 14 -19.72 8.61 20.78
CA GLU D 14 -20.13 8.83 22.16
C GLU D 14 -21.31 7.94 22.55
N ASP D 15 -22.33 7.91 21.72
CA ASP D 15 -23.51 7.09 21.97
C ASP D 15 -23.20 5.62 21.99
N THR D 16 -22.35 5.16 21.06
CA THR D 16 -22.00 3.76 20.96
C THR D 16 -21.14 3.39 22.18
N THR D 17 -20.18 4.26 22.56
CA THR D 17 -19.38 4.06 23.78
C THR D 17 -20.30 3.96 25.01
N THR D 18 -21.29 4.87 25.19
CA THR D 18 -22.28 4.77 26.30
C THR D 18 -23.01 3.41 26.33
N GLY D 19 -23.52 2.95 25.19
CA GLY D 19 -24.22 1.70 25.17
C GLY D 19 -23.26 0.57 25.58
N LEU D 20 -22.02 0.65 25.12
CA LEU D 20 -21.10 -0.46 25.39
C LEU D 20 -20.72 -0.48 26.88
N LEU D 21 -20.43 0.69 27.44
CA LEU D 21 -20.14 0.79 28.90
C LEU D 21 -21.32 0.24 29.73
N LEU D 22 -22.55 0.65 29.41
CA LEU D 22 -23.75 0.17 30.08
C LEU D 22 -23.77 -1.36 30.11
N ALA D 23 -23.39 -2.00 28.99
CA ALA D 23 -23.25 -3.49 28.84
C ALA D 23 -22.05 -4.11 29.53
N GLY D 24 -21.24 -3.31 30.23
CA GLY D 24 -19.99 -3.78 30.86
C GLY D 24 -18.85 -4.05 29.88
N ILE D 25 -18.82 -3.33 28.74
CA ILE D 25 -17.78 -3.53 27.71
C ILE D 25 -16.94 -2.27 27.53
N GLY D 26 -15.61 -2.41 27.52
CA GLY D 26 -14.69 -1.32 27.30
C GLY D 26 -14.27 -0.67 28.60
N GLN D 27 -14.66 -1.28 29.72
CA GLN D 27 -14.24 -0.76 31.02
C GLN D 27 -12.77 -1.06 31.22
N ILE D 28 -12.25 -0.37 32.22
CA ILE D 28 -10.87 -0.38 32.63
C ILE D 28 -10.31 -1.81 33.01
N THR D 29 -9.09 -2.14 32.58
CA THR D 29 -8.53 -3.44 33.02
C THR D 29 -8.29 -3.43 34.56
N PRO D 30 -8.93 -4.36 35.32
CA PRO D 30 -8.77 -4.19 36.77
C PRO D 30 -7.32 -4.14 37.23
N GLU D 31 -6.48 -5.07 36.74
CA GLU D 31 -5.11 -5.25 37.22
C GLU D 31 -4.15 -4.12 36.89
N THR D 32 -4.32 -3.48 35.74
CA THR D 32 -3.37 -2.45 35.31
C THR D 32 -3.95 -1.03 35.32
N GLN D 33 -5.26 -0.88 35.54
CA GLN D 33 -5.99 0.35 35.24
C GLN D 33 -5.88 0.82 33.77
N GLU D 34 -5.36 0.02 32.84
CA GLU D 34 -5.36 0.49 31.43
C GLU D 34 -6.79 0.72 30.83
N LYS D 35 -6.94 1.88 30.20
CA LYS D 35 -8.17 2.29 29.51
C LYS D 35 -8.46 1.35 28.33
N ASN D 36 -9.71 0.92 28.17
CA ASN D 36 -10.06 0.02 27.04
C ASN D 36 -11.03 0.58 26.00
N PHE D 37 -11.25 1.89 26.05
CA PHE D 37 -12.07 2.57 25.06
C PHE D 37 -11.43 3.90 24.65
N PHE D 38 -11.77 4.38 23.46
CA PHE D 38 -11.41 5.72 23.01
C PHE D 38 -12.61 6.31 22.32
N VAL D 39 -13.01 7.52 22.72
CA VAL D 39 -14.24 8.12 22.22
C VAL D 39 -13.85 8.99 21.04
N TYR D 40 -14.32 8.63 19.86
CA TYR D 40 -14.17 9.47 18.70
C TYR D 40 -15.24 10.58 18.72
N GLN D 41 -14.81 11.83 18.51
CA GLN D 41 -15.74 12.96 18.47
C GLN D 41 -15.63 13.64 17.12
N GLU D 42 -16.65 13.43 16.29
CA GLU D 42 -16.82 14.09 15.01
C GLU D 42 -16.49 15.59 15.13
N GLY D 43 -15.54 16.05 14.32
CA GLY D 43 -15.18 17.47 14.28
C GLY D 43 -13.95 17.79 15.09
N LYS D 44 -13.55 16.88 15.99
CA LYS D 44 -12.45 17.15 16.91
C LYS D 44 -11.36 16.09 16.89
N THR D 45 -11.74 14.81 16.90
CA THR D 45 -10.74 13.76 16.86
C THR D 45 -10.15 13.71 15.45
N THR D 46 -8.85 13.65 15.37
CA THR D 46 -8.19 13.59 14.07
C THR D 46 -7.86 12.16 13.68
N LYS D 47 -7.74 11.93 12.39
CA LYS D 47 -7.35 10.62 11.87
C LYS D 47 -6.07 10.07 12.54
N GLU D 48 -5.12 10.95 12.85
CA GLU D 48 -3.88 10.50 13.43
C GLU D 48 -4.19 9.90 14.82
N GLU D 49 -5.05 10.57 15.59
N GLU D 49 -5.02 10.60 15.61
CA GLU D 49 -5.46 10.08 16.91
CA GLU D 49 -5.51 10.10 16.90
C GLU D 49 -6.18 8.72 16.86
C GLU D 49 -6.10 8.70 16.81
N ILE D 50 -6.98 8.50 15.84
CA ILE D 50 -7.64 7.25 15.67
C ILE D 50 -6.56 6.23 15.35
N THR D 51 -5.61 6.62 14.50
CA THR D 51 -4.52 5.73 14.07
C THR D 51 -3.65 5.27 15.22
N ASP D 52 -3.31 6.19 16.13
CA ASP D 52 -2.51 5.90 17.34
C ASP D 52 -3.25 4.95 18.28
N LYS D 53 -4.55 5.19 18.47
CA LYS D 53 -5.38 4.33 19.27
C LYS D 53 -5.50 2.95 18.64
N PHE D 54 -5.72 2.92 17.34
CA PHE D 54 -5.80 1.62 16.69
C PHE D 54 -4.49 0.86 16.93
N ASN D 55 -3.36 1.55 16.85
CA ASN D 55 -2.07 0.90 17.04
C ASN D 55 -1.82 0.51 18.48
N HIS D 56 -2.28 1.37 19.39
CA HIS D 56 -2.22 1.05 20.80
C HIS D 56 -2.95 -0.25 21.10
N PHE D 57 -4.23 -0.32 20.76
CA PHE D 57 -4.99 -1.56 21.02
C PHE D 57 -4.48 -2.70 20.17
N THR D 58 -3.77 -2.40 19.11
CA THR D 58 -3.59 -3.41 18.11
C THR D 58 -2.21 -4.03 18.20
N GLU D 59 -1.25 -3.26 18.70
CA GLU D 59 0.13 -3.59 18.54
C GLU D 59 0.83 -3.47 19.86
N GLU D 60 0.43 -2.47 20.64
CA GLU D 60 1.10 -2.25 21.89
C GLU D 60 0.56 -3.17 22.97
N ARG D 61 -0.75 -3.15 23.19
CA ARG D 61 -1.40 -4.03 24.17
C ARG D 61 -1.33 -5.47 23.69
N ASP D 62 -1.29 -6.42 24.63
CA ASP D 62 -1.19 -7.85 24.30
C ASP D 62 -2.28 -8.67 24.98
N ASP D 63 -3.17 -7.99 25.69
CA ASP D 63 -4.30 -8.66 26.32
C ASP D 63 -5.62 -8.49 25.58
N ILE D 64 -5.59 -7.81 24.43
CA ILE D 64 -6.85 -7.56 23.75
C ILE D 64 -7.23 -8.77 22.86
N ALA D 65 -8.43 -9.31 23.07
CA ALA D 65 -9.01 -10.34 22.18
C ALA D 65 -9.78 -9.77 20.98
N ILE D 66 -10.55 -8.70 21.23
CA ILE D 66 -11.42 -8.10 20.25
C ILE D 66 -11.35 -6.60 20.30
N LEU D 67 -11.25 -5.99 19.13
CA LEU D 67 -11.45 -4.53 19.00
C LEU D 67 -12.73 -4.18 18.25
N LEU D 68 -13.64 -3.49 18.92
CA LEU D 68 -14.87 -3.02 18.30
C LEU D 68 -14.73 -1.62 17.86
N ASN D 70 -16.93 1.56 15.43
CA ASN D 70 -17.97 1.89 14.46
C ASN D 70 -17.40 1.81 13.09
N GLN D 71 -18.22 1.29 12.18
CA GLN D 71 -17.88 1.09 10.78
C GLN D 71 -17.38 2.38 10.12
N HIS D 72 -18.01 3.51 10.45
CA HIS D 72 -17.62 4.77 9.80
C HIS D 72 -16.32 5.25 10.33
N ILE D 73 -15.91 4.73 11.51
CA ILE D 73 -14.59 5.13 12.03
C ILE D 73 -13.48 4.29 11.45
N ALA D 74 -13.74 2.99 11.30
CA ALA D 74 -12.85 2.08 10.62
C ALA D 74 -12.64 2.55 9.16
N GLU D 75 -13.75 2.88 8.48
CA GLU D 75 -13.68 3.52 7.15
C GLU D 75 -12.62 4.62 7.11
N ASN D 76 -12.66 5.48 8.13
N ASN D 76 -12.59 5.45 8.14
CA ASN D 76 -11.77 6.63 8.25
CA ASN D 76 -11.72 6.60 8.15
C ASN D 76 -10.34 6.15 8.04
C ASN D 76 -10.26 6.25 8.31
N ILE D 77 -9.99 4.99 8.63
CA ILE D 77 -8.64 4.45 8.55
C ILE D 77 -8.66 3.09 7.86
N ARG D 78 -9.47 3.01 6.81
CA ARG D 78 -9.71 1.75 6.08
C ARG D 78 -8.40 1.06 5.66
N ALA D 79 -7.42 1.84 5.22
CA ALA D 79 -6.12 1.28 4.83
C ALA D 79 -5.42 0.60 6.00
N ARG D 80 -5.31 1.29 7.14
CA ARG D 80 -4.67 0.70 8.34
C ARG D 80 -5.42 -0.55 8.79
N VAL D 81 -6.75 -0.49 8.72
CA VAL D 81 -7.60 -1.57 9.17
C VAL D 81 -7.42 -2.83 8.32
N ASP D 82 -7.67 -2.76 7.01
N ASP D 82 -7.68 -2.76 7.02
CA ASP D 82 -7.59 -4.00 6.21
CA ASP D 82 -7.59 -3.94 6.17
C ASP D 82 -6.16 -4.45 5.86
C ASP D 82 -6.17 -4.53 6.11
N SER D 83 -5.16 -3.69 6.29
CA SER D 83 -3.80 -4.17 6.23
C SER D 83 -3.31 -4.74 7.60
N PHE D 84 -4.15 -4.68 8.63
CA PHE D 84 -3.83 -5.37 9.87
C PHE D 84 -4.02 -6.88 9.67
N THR D 85 -2.98 -7.69 9.92
CA THR D 85 -3.02 -9.11 9.52
C THR D 85 -2.72 -10.08 10.64
N ASN D 86 -2.41 -9.53 11.82
CA ASN D 86 -2.18 -10.34 13.04
C ASN D 86 -3.38 -11.20 13.46
N ALA D 87 -3.14 -12.25 14.24
CA ALA D 87 -4.23 -13.14 14.67
C ALA D 87 -5.14 -12.47 15.72
N PHE D 88 -4.56 -11.62 16.55
CA PHE D 88 -5.38 -10.87 17.47
C PHE D 88 -4.92 -9.41 17.51
N PRO D 89 -5.85 -8.49 17.84
CA PRO D 89 -7.26 -8.83 18.06
C PRO D 89 -8.01 -9.07 16.77
N ALA D 90 -9.14 -9.77 16.86
CA ALA D 90 -10.15 -9.71 15.84
C ALA D 90 -10.71 -8.29 15.83
N ILE D 91 -10.88 -7.72 14.64
CA ILE D 91 -11.44 -6.38 14.55
C ILE D 91 -12.84 -6.61 14.06
N LEU D 92 -13.80 -6.01 14.74
CA LEU D 92 -15.19 -6.13 14.33
C LEU D 92 -15.77 -4.77 14.21
N GLU D 93 -16.46 -4.54 13.11
CA GLU D 93 -17.07 -3.27 12.85
C GLU D 93 -18.55 -3.33 13.17
N ILE D 94 -19.03 -2.34 13.89
CA ILE D 94 -20.42 -2.28 14.31
C ILE D 94 -20.99 -0.92 13.90
#